data_4I3D
#
_entry.id   4I3D
#
_cell.length_a   73.702
_cell.length_b   73.702
_cell.length_c   89.032
_cell.angle_alpha   90.00
_cell.angle_beta   90.00
_cell.angle_gamma   120.00
#
_symmetry.space_group_name_H-M   'P 31'
#
loop_
_entity.id
_entity.type
_entity.pdbx_description
1 polymer 'Bilirubin-inducible fluorescent protein UnaG'
2 non-polymer '3-[5-[(Z)-(4-ethenyl-3-methyl-5-oxidanylidene-pyrrol-2-ylidene)methyl]-2-[[5-[(Z)-(3-ethenyl-4-methyl-5-oxidanylidene-pyrrol-2-ylidene)methyl]-3-(3-hydroxy-3-oxopropyl)-4-methyl-1H-pyrrol-2-yl]methyl]-4-methyl-1H-pyrrol-3-yl]propanoic acid'
3 water water
#
_entity_poly.entity_id   1
_entity_poly.type   'polypeptide(L)'
_entity_poly.pdbx_seq_one_letter_code
;MVEKFVGTWKIADSHNFGEYLKAIGAPKELSDGGDATTPTLYISQKDGDKMTVKIEAGPPTFLDTQVKFKLGEEFDEFPS
DRRKGVKSVVNLVGEKLVYVQKWDGKETTYVREIKDGKLVVTLTMGDVVAVRSYRRATE
;
_entity_poly.pdbx_strand_id   A,B,C,D
#
# COMPACT_ATOMS: atom_id res chain seq x y z
N MET A 1 6.41 -9.85 -15.22
CA MET A 1 6.67 -8.94 -14.06
C MET A 1 5.48 -8.03 -13.79
N VAL A 2 5.01 -7.36 -14.83
CA VAL A 2 3.80 -6.55 -14.72
C VAL A 2 2.60 -7.44 -14.64
N GLU A 3 2.71 -8.65 -15.19
CA GLU A 3 1.57 -9.55 -15.37
C GLU A 3 0.82 -9.78 -14.08
N LYS A 4 1.54 -9.76 -12.97
CA LYS A 4 0.93 -10.07 -11.69
C LYS A 4 -0.01 -8.98 -11.21
N PHE A 5 -0.05 -7.85 -11.94
CA PHE A 5 -0.93 -6.75 -11.61
C PHE A 5 -2.20 -6.77 -12.44
N VAL A 6 -2.20 -7.53 -13.53
CA VAL A 6 -3.31 -7.47 -14.46
C VAL A 6 -4.55 -8.15 -13.90
N GLY A 7 -5.69 -7.53 -14.13
CA GLY A 7 -6.95 -8.06 -13.65
C GLY A 7 -7.86 -6.96 -13.17
N THR A 8 -8.92 -7.34 -12.48
CA THR A 8 -9.89 -6.40 -11.96
C THR A 8 -9.79 -6.44 -10.45
N TRP A 9 -9.78 -5.27 -9.82
CA TRP A 9 -9.59 -5.19 -8.38
C TRP A 9 -10.66 -4.33 -7.78
N LYS A 10 -11.01 -4.66 -6.53
CA LYS A 10 -11.95 -3.88 -5.72
C LYS A 10 -11.29 -3.56 -4.38
N ILE A 11 -11.53 -2.36 -3.88
CA ILE A 11 -10.91 -1.96 -2.64
C ILE A 11 -11.31 -2.94 -1.52
N ALA A 12 -10.38 -3.16 -0.59
CA ALA A 12 -10.58 -4.01 0.57
C ALA A 12 -10.26 -3.22 1.82
N ASP A 13 -9.17 -2.45 1.77
CA ASP A 13 -8.74 -1.69 2.95
C ASP A 13 -8.23 -0.33 2.53
N SER A 14 -8.35 0.63 3.43
CA SER A 14 -7.87 1.97 3.17
C SER A 14 -7.36 2.57 4.46
N HIS A 15 -6.21 3.22 4.38
CA HIS A 15 -5.55 3.71 5.57
C HIS A 15 -4.99 5.09 5.33
N ASN A 16 -5.56 6.08 6.01
CA ASN A 16 -5.00 7.43 6.02
C ASN A 16 -4.95 8.00 4.61
N PHE A 17 -5.97 7.70 3.81
CA PHE A 17 -6.02 8.12 2.41
C PHE A 17 -6.63 9.51 2.25
N GLY A 18 -7.49 9.87 3.18
CA GLY A 18 -8.07 11.20 3.19
C GLY A 18 -7.05 12.26 3.59
N GLU A 19 -6.12 11.89 4.45
CA GLU A 19 -5.09 12.82 4.90
C GLU A 19 -4.01 12.90 3.85
N TYR A 20 -3.84 11.82 3.11
CA TYR A 20 -2.91 11.83 2.02
C TYR A 20 -3.41 12.84 0.99
N LEU A 21 -4.67 12.69 0.58
CA LEU A 21 -5.30 13.59 -0.38
C LEU A 21 -5.26 15.03 0.09
N LYS A 22 -5.49 15.21 1.39
CA LYS A 22 -5.37 16.52 1.98
C LYS A 22 -3.94 16.99 1.89
N ALA A 23 -3.00 16.06 1.99
CA ALA A 23 -1.59 16.41 1.99
C ALA A 23 -1.07 16.85 0.63
N ILE A 24 -1.68 16.35 -0.45
CA ILE A 24 -1.31 16.83 -1.78
C ILE A 24 -2.19 18.00 -2.17
N GLY A 25 -2.92 18.53 -1.20
CA GLY A 25 -3.66 19.76 -1.42
C GLY A 25 -4.99 19.54 -2.12
N ALA A 26 -5.41 18.28 -2.24
CA ALA A 26 -6.73 18.00 -2.79
C ALA A 26 -7.79 18.72 -1.96
N PRO A 27 -8.82 19.25 -2.63
CA PRO A 27 -9.95 19.92 -2.00
C PRO A 27 -10.51 19.14 -0.83
N LYS A 28 -11.10 19.86 0.12
CA LYS A 28 -11.69 19.24 1.29
C LYS A 28 -12.86 18.33 0.90
N GLU A 29 -13.66 18.79 -0.05
CA GLU A 29 -14.85 18.06 -0.46
C GLU A 29 -14.48 16.72 -1.11
N LEU A 30 -13.26 16.63 -1.61
CA LEU A 30 -12.78 15.43 -2.29
C LEU A 30 -11.94 14.57 -1.37
N SER A 31 -11.33 15.21 -0.37
CA SER A 31 -10.50 14.51 0.60
C SER A 31 -11.38 13.91 1.68
N ASP A 32 -12.47 14.58 1.98
CA ASP A 32 -13.39 14.08 2.98
C ASP A 32 -14.05 12.81 2.48
N GLY A 33 -13.83 11.72 3.22
CA GLY A 33 -14.44 10.44 2.90
C GLY A 33 -13.54 9.58 2.05
N GLY A 34 -12.30 10.00 1.90
CA GLY A 34 -11.36 9.38 1.00
C GLY A 34 -11.19 7.90 1.26
N ASP A 35 -11.27 7.50 2.51
CA ASP A 35 -11.08 6.10 2.86
C ASP A 35 -12.39 5.33 2.70
N ALA A 36 -13.46 6.07 2.44
CA ALA A 36 -14.76 5.45 2.17
C ALA A 36 -15.03 5.23 0.68
N THR A 37 -14.11 5.69 -0.18
CA THR A 37 -14.27 5.53 -1.62
C THR A 37 -13.91 4.11 -2.04
N THR A 38 -14.65 3.60 -3.02
CA THR A 38 -14.55 2.20 -3.44
C THR A 38 -14.18 2.06 -4.93
N PRO A 39 -12.95 2.44 -5.32
CA PRO A 39 -12.61 2.35 -6.73
C PRO A 39 -12.51 0.91 -7.22
N THR A 40 -12.87 0.69 -8.49
CA THR A 40 -12.60 -0.58 -9.14
C THR A 40 -11.54 -0.33 -10.23
N LEU A 41 -10.48 -1.13 -10.23
CA LEU A 41 -9.40 -0.97 -11.22
C LEU A 41 -9.46 -2.08 -12.25
N TYR A 42 -9.04 -1.78 -13.48
CA TYR A 42 -9.10 -2.71 -14.59
C TYR A 42 -7.77 -2.64 -15.27
N ILE A 43 -6.88 -3.54 -14.92
CA ILE A 43 -5.50 -3.42 -15.27
C ILE A 43 -5.11 -4.43 -16.33
N SER A 44 -4.45 -3.95 -17.36
CA SER A 44 -4.05 -4.78 -18.48
C SER A 44 -2.64 -4.33 -18.86
N GLN A 45 -1.93 -5.15 -19.65
CA GLN A 45 -0.59 -4.80 -20.09
C GLN A 45 -0.29 -5.37 -21.49
N LYS A 46 0.76 -4.87 -22.12
CA LYS A 46 1.11 -5.22 -23.51
C LYS A 46 2.63 -5.21 -23.71
N ASP A 47 3.17 -6.34 -24.16
CA ASP A 47 4.60 -6.47 -24.43
C ASP A 47 5.46 -6.34 -23.17
N GLY A 48 4.87 -6.55 -22.00
CA GLY A 48 5.60 -6.53 -20.74
C GLY A 48 6.05 -5.15 -20.31
N ASP A 49 5.81 -4.14 -21.16
CA ASP A 49 6.39 -2.81 -20.99
C ASP A 49 5.37 -1.66 -20.97
N LYS A 50 4.25 -1.82 -21.67
CA LYS A 50 3.16 -0.82 -21.65
C LYS A 50 2.03 -1.33 -20.76
N MET A 51 1.38 -0.41 -20.05
CA MET A 51 0.27 -0.78 -19.20
C MET A 51 -0.87 0.16 -19.44
N THR A 52 -2.08 -0.33 -19.16
CA THR A 52 -3.28 0.46 -19.22
C THR A 52 -4.02 0.22 -17.90
N VAL A 53 -4.67 1.24 -17.36
CA VAL A 53 -5.46 1.05 -16.14
C VAL A 53 -6.71 1.89 -16.21
N LYS A 54 -7.86 1.23 -16.28
CA LYS A 54 -9.14 1.89 -16.20
C LYS A 54 -9.66 1.84 -14.77
N ILE A 55 -10.12 2.98 -14.28
CA ILE A 55 -10.61 3.11 -12.93
C ILE A 55 -12.07 3.48 -12.97
N GLU A 56 -12.91 2.74 -12.28
CA GLU A 56 -14.27 3.17 -12.06
C GLU A 56 -14.33 3.72 -10.64
N ALA A 57 -14.39 5.04 -10.52
CA ALA A 57 -14.22 5.70 -9.24
C ALA A 57 -15.33 5.34 -8.26
N GLY A 58 -16.48 4.99 -8.80
CA GLY A 58 -17.63 4.62 -7.98
C GLY A 58 -18.17 5.79 -7.18
N PRO A 59 -19.09 5.50 -6.23
CA PRO A 59 -19.77 6.52 -5.44
C PRO A 59 -18.77 7.51 -4.84
N PRO A 60 -19.18 8.76 -4.72
CA PRO A 60 -20.45 9.31 -5.23
C PRO A 60 -20.29 10.04 -6.58
N THR A 61 -19.09 10.53 -6.86
CA THR A 61 -18.81 11.38 -8.02
C THR A 61 -18.62 10.61 -9.34
N PHE A 62 -18.20 9.35 -9.26
CA PHE A 62 -17.93 8.54 -10.44
C PHE A 62 -16.96 9.20 -11.41
N LEU A 63 -15.88 9.74 -10.86
CA LEU A 63 -14.86 10.39 -11.66
C LEU A 63 -14.03 9.34 -12.39
N ASP A 64 -14.69 8.53 -13.22
CA ASP A 64 -14.06 7.41 -13.93
C ASP A 64 -13.01 7.84 -14.94
N THR A 65 -11.91 7.09 -15.04
CA THR A 65 -10.81 7.53 -15.89
C THR A 65 -9.96 6.38 -16.42
N GLN A 66 -8.88 6.71 -17.14
CA GLN A 66 -7.93 5.70 -17.57
C GLN A 66 -6.54 6.33 -17.70
N VAL A 67 -5.48 5.56 -17.40
CA VAL A 67 -4.12 6.00 -17.74
C VAL A 67 -3.39 4.94 -18.56
N LYS A 68 -2.56 5.39 -19.48
CA LYS A 68 -1.83 4.49 -20.36
C LYS A 68 -0.40 4.98 -20.34
N PHE A 69 0.54 4.07 -20.14
CA PHE A 69 1.92 4.49 -20.11
C PHE A 69 2.85 3.40 -20.57
N LYS A 70 4.11 3.79 -20.75
CA LYS A 70 5.20 2.87 -20.99
C LYS A 70 6.19 3.04 -19.85
N LEU A 71 6.71 1.93 -19.35
CA LEU A 71 7.70 1.96 -18.28
C LEU A 71 8.88 2.83 -18.68
N GLY A 72 9.09 3.91 -17.94
CA GLY A 72 10.20 4.81 -18.22
C GLY A 72 9.76 6.08 -18.91
N GLU A 73 8.73 6.01 -19.73
CA GLU A 73 8.30 7.17 -20.50
C GLU A 73 7.39 8.05 -19.65
N GLU A 74 7.90 9.24 -19.32
CA GLU A 74 7.12 10.23 -18.61
C GLU A 74 5.91 10.59 -19.46
N PHE A 75 4.79 10.85 -18.81
CA PHE A 75 3.58 11.26 -19.51
C PHE A 75 2.86 12.33 -18.71
N ASP A 76 1.80 12.87 -19.28
CA ASP A 76 1.06 13.94 -18.64
C ASP A 76 -0.21 13.34 -18.06
N GLU A 77 -0.50 13.67 -16.79
CA GLU A 77 -1.72 13.16 -16.15
C GLU A 77 -2.67 14.30 -15.79
N PHE A 78 -3.95 13.96 -15.60
CA PHE A 78 -4.98 14.93 -15.29
C PHE A 78 -5.85 14.29 -14.21
N PRO A 79 -5.34 14.30 -12.98
CA PRO A 79 -5.90 13.62 -11.80
C PRO A 79 -7.21 14.18 -11.25
N SER A 80 -8.02 13.29 -10.69
CA SER A 80 -9.29 13.66 -10.11
C SER A 80 -9.10 14.80 -9.13
N ASP A 81 -8.00 14.76 -8.38
CA ASP A 81 -7.83 15.67 -7.27
C ASP A 81 -7.62 17.12 -7.69
N ARG A 82 -7.58 17.36 -9.00
CA ARG A 82 -7.52 18.72 -9.54
C ARG A 82 -6.16 19.40 -9.34
N ARG A 83 -5.10 18.77 -9.83
CA ARG A 83 -3.80 19.40 -9.90
C ARG A 83 -3.44 19.58 -11.36
N LYS A 84 -2.49 20.46 -11.65
CA LYS A 84 -2.10 20.76 -13.03
C LYS A 84 -0.62 20.61 -13.27
N GLY A 85 -0.24 20.51 -14.54
CA GLY A 85 1.17 20.41 -14.89
C GLY A 85 1.78 19.17 -14.32
N VAL A 86 0.94 18.16 -14.11
CA VAL A 86 1.39 16.90 -13.53
C VAL A 86 2.07 16.02 -14.57
N LYS A 87 3.31 15.65 -14.29
CA LYS A 87 4.07 14.75 -15.12
C LYS A 87 4.29 13.51 -14.28
N SER A 88 4.07 12.34 -14.88
CA SER A 88 4.13 11.10 -14.13
C SER A 88 5.02 10.14 -14.87
N VAL A 89 5.78 9.35 -14.13
CA VAL A 89 6.62 8.30 -14.72
C VAL A 89 6.58 7.02 -13.90
N VAL A 90 6.50 5.87 -14.56
CA VAL A 90 6.32 4.61 -13.87
C VAL A 90 7.49 3.67 -14.18
N ASN A 91 8.05 3.04 -13.17
CA ASN A 91 9.18 2.16 -13.41
C ASN A 91 9.20 0.99 -12.47
N LEU A 92 9.77 -0.11 -12.94
CA LEU A 92 9.89 -1.27 -12.11
C LEU A 92 11.10 -1.18 -11.19
N VAL A 93 10.86 -1.37 -9.89
CA VAL A 93 11.94 -1.55 -8.93
C VAL A 93 11.79 -2.95 -8.36
N GLY A 94 12.54 -3.89 -8.92
CA GLY A 94 12.41 -5.28 -8.55
C GLY A 94 11.08 -5.82 -8.98
N GLU A 95 10.32 -6.30 -8.00
CA GLU A 95 9.01 -6.85 -8.27
C GLU A 95 7.93 -5.86 -7.85
N LYS A 96 8.34 -4.66 -7.44
CA LYS A 96 7.41 -3.58 -7.10
C LYS A 96 7.33 -2.60 -8.26
N LEU A 97 6.20 -1.90 -8.34
CA LEU A 97 5.99 -0.85 -9.34
C LEU A 97 6.01 0.51 -8.66
N VAL A 98 6.74 1.47 -9.24
CA VAL A 98 6.90 2.79 -8.62
C VAL A 98 6.41 3.91 -9.54
N TYR A 99 5.51 4.72 -9.02
CA TYR A 99 4.76 5.67 -9.81
C TYR A 99 5.09 7.02 -9.22
N VAL A 100 5.66 7.94 -9.99
CA VAL A 100 6.01 9.23 -9.42
C VAL A 100 5.30 10.37 -10.15
N GLN A 101 4.76 11.30 -9.39
CA GLN A 101 4.09 12.46 -9.95
C GLN A 101 4.86 13.70 -9.50
N LYS A 102 4.99 14.67 -10.41
CA LYS A 102 5.67 15.93 -10.12
C LYS A 102 4.84 17.10 -10.65
N TRP A 103 4.56 18.09 -9.80
CA TRP A 103 3.75 19.25 -10.17
C TRP A 103 3.97 20.38 -9.19
N ASP A 104 4.09 21.60 -9.69
CA ASP A 104 4.25 22.77 -8.83
C ASP A 104 5.51 22.65 -7.96
N GLY A 105 6.54 22.00 -8.51
CA GLY A 105 7.81 21.84 -7.82
C GLY A 105 7.79 20.71 -6.81
N LYS A 106 6.66 20.03 -6.72
CA LYS A 106 6.44 19.05 -5.66
C LYS A 106 6.40 17.63 -6.20
N GLU A 107 6.53 16.66 -5.30
CA GLU A 107 6.68 15.26 -5.67
C GLU A 107 5.91 14.32 -4.74
N THR A 108 5.08 13.46 -5.30
CA THR A 108 4.44 12.41 -4.52
C THR A 108 4.70 11.06 -5.18
N THR A 109 4.66 9.99 -4.39
CA THR A 109 5.06 8.67 -4.86
C THR A 109 3.99 7.60 -4.54
N TYR A 110 3.83 6.60 -5.40
CA TYR A 110 2.89 5.47 -5.20
C TYR A 110 3.66 4.18 -5.42
N VAL A 111 3.71 3.32 -4.41
CA VAL A 111 4.40 2.04 -4.54
C VAL A 111 3.39 0.90 -4.49
N ARG A 112 3.32 0.09 -5.54
CA ARG A 112 2.31 -0.95 -5.62
C ARG A 112 2.97 -2.31 -5.72
N GLU A 113 2.41 -3.31 -5.04
CA GLU A 113 2.99 -4.65 -5.09
C GLU A 113 1.88 -5.68 -4.91
N ILE A 114 2.22 -6.96 -4.96
CA ILE A 114 1.25 -8.01 -4.64
C ILE A 114 1.64 -8.65 -3.33
N LYS A 115 0.69 -8.73 -2.41
CA LYS A 115 0.96 -9.14 -1.04
C LYS A 115 -0.15 -10.07 -0.58
N ASP A 116 0.19 -11.35 -0.38
CA ASP A 116 -0.81 -12.40 -0.19
C ASP A 116 -2.08 -12.16 -1.01
N GLY A 117 -1.94 -12.16 -2.34
CA GLY A 117 -3.10 -12.07 -3.20
C GLY A 117 -3.71 -10.69 -3.40
N LYS A 118 -3.20 -9.71 -2.67
CA LYS A 118 -3.80 -8.37 -2.64
C LYS A 118 -2.91 -7.30 -3.27
N LEU A 119 -3.50 -6.46 -4.09
CA LEU A 119 -2.71 -5.40 -4.72
C LEU A 119 -2.59 -4.25 -3.72
N VAL A 120 -1.39 -4.01 -3.20
CA VAL A 120 -1.17 -3.10 -2.09
C VAL A 120 -0.43 -1.87 -2.57
N VAL A 121 -0.93 -0.69 -2.23
CA VAL A 121 -0.34 0.54 -2.70
C VAL A 121 -0.13 1.44 -1.51
N THR A 122 1.11 1.91 -1.39
CA THR A 122 1.52 2.80 -0.33
C THR A 122 1.72 4.16 -0.96
N LEU A 123 0.95 5.16 -0.52
CA LEU A 123 1.02 6.50 -1.07
C LEU A 123 1.84 7.41 -0.15
N THR A 124 2.78 8.17 -0.70
CA THR A 124 3.68 8.95 0.13
C THR A 124 3.75 10.39 -0.36
N MET A 125 3.40 11.33 0.52
CA MET A 125 3.56 12.74 0.24
C MET A 125 4.21 13.39 1.47
N GLY A 126 5.52 13.65 1.37
CA GLY A 126 6.30 14.08 2.51
C GLY A 126 6.58 12.91 3.43
N ASP A 127 6.03 12.97 4.64
CA ASP A 127 6.03 11.84 5.57
C ASP A 127 4.58 11.57 5.93
N VAL A 128 3.65 12.08 5.12
CA VAL A 128 2.25 11.70 5.21
C VAL A 128 2.07 10.46 4.36
N VAL A 129 1.70 9.34 4.96
CA VAL A 129 1.71 8.07 4.24
C VAL A 129 0.38 7.36 4.41
N ALA A 130 -0.16 6.86 3.30
CA ALA A 130 -1.44 6.18 3.31
C ALA A 130 -1.25 4.79 2.74
N VAL A 131 -2.18 3.88 3.02
CA VAL A 131 -2.08 2.55 2.49
C VAL A 131 -3.47 2.12 2.09
N ARG A 132 -3.58 1.52 0.93
CA ARG A 132 -4.84 0.93 0.50
C ARG A 132 -4.54 -0.43 -0.12
N SER A 133 -5.45 -1.39 0.00
CA SER A 133 -5.21 -2.71 -0.56
C SER A 133 -6.44 -3.12 -1.33
N TYR A 134 -6.23 -3.89 -2.38
CA TYR A 134 -7.31 -4.30 -3.24
C TYR A 134 -7.31 -5.80 -3.25
N ARG A 135 -8.50 -6.40 -3.29
CA ARG A 135 -8.64 -7.83 -3.51
C ARG A 135 -9.19 -8.07 -4.92
N ARG A 136 -8.90 -9.23 -5.51
CA ARG A 136 -9.48 -9.61 -6.78
C ARG A 136 -10.98 -9.41 -6.85
N ALA A 137 -11.47 -8.89 -7.97
CA ALA A 137 -12.90 -8.80 -8.21
C ALA A 137 -13.33 -9.96 -9.10
N THR A 138 -14.39 -10.67 -8.72
CA THR A 138 -15.02 -10.55 -7.42
C THR A 138 -14.58 -11.78 -6.63
N GLU A 139 -13.39 -12.26 -6.96
CA GLU A 139 -12.93 -13.57 -6.53
C GLU A 139 -11.55 -13.48 -5.91
N MET B 1 -4.34 -2.82 40.95
CA MET B 1 -4.50 -1.59 40.12
C MET B 1 -4.39 -1.98 38.65
N VAL B 2 -3.54 -2.95 38.39
CA VAL B 2 -3.34 -3.49 37.05
C VAL B 2 -4.65 -3.82 36.36
N GLU B 3 -5.68 -4.13 37.14
CA GLU B 3 -6.93 -4.59 36.58
C GLU B 3 -7.56 -3.55 35.69
N LYS B 4 -7.03 -2.33 35.75
CA LYS B 4 -7.65 -1.23 35.02
C LYS B 4 -7.09 -1.03 33.62
N PHE B 5 -6.00 -1.71 33.32
CA PHE B 5 -5.42 -1.66 31.98
C PHE B 5 -5.96 -2.76 31.08
N VAL B 6 -6.66 -3.72 31.66
CA VAL B 6 -7.07 -4.90 30.90
C VAL B 6 -8.18 -4.53 29.93
N GLY B 7 -8.15 -5.16 28.75
CA GLY B 7 -9.19 -4.96 27.77
C GLY B 7 -8.55 -4.79 26.42
N THR B 8 -9.35 -4.34 25.45
CA THR B 8 -8.82 -4.06 24.12
C THR B 8 -8.89 -2.56 23.85
N TRP B 9 -7.88 -2.04 23.16
CA TRP B 9 -7.77 -0.61 22.94
C TRP B 9 -7.36 -0.35 21.51
N LYS B 10 -7.87 0.71 20.93
CA LYS B 10 -7.40 1.14 19.63
C LYS B 10 -6.99 2.58 19.72
N ILE B 11 -6.04 2.94 18.89
CA ILE B 11 -5.42 4.24 18.94
C ILE B 11 -6.47 5.33 18.65
N ALA B 12 -6.40 6.41 19.41
CA ALA B 12 -7.26 7.58 19.21
C ALA B 12 -6.42 8.77 18.74
N ASP B 13 -5.30 9.02 19.43
CA ASP B 13 -4.39 10.12 19.08
C ASP B 13 -2.92 9.78 19.32
N SER B 14 -2.07 10.14 18.36
CA SER B 14 -0.64 9.93 18.49
C SER B 14 0.11 11.20 18.12
N HIS B 15 1.05 11.61 18.96
CA HIS B 15 1.78 12.84 18.73
C HIS B 15 3.28 12.66 18.89
N ASN B 16 4.01 13.11 17.87
CA ASN B 16 5.48 13.09 17.84
C ASN B 16 6.05 11.69 17.94
N PHE B 17 5.28 10.70 17.49
CA PHE B 17 5.69 9.30 17.57
C PHE B 17 6.87 9.03 16.64
N GLY B 18 6.83 9.61 15.44
CA GLY B 18 7.92 9.48 14.48
C GLY B 18 9.27 9.94 14.98
N GLU B 19 9.30 11.10 15.62
CA GLU B 19 10.52 11.63 16.19
C GLU B 19 11.08 10.73 17.29
N TYR B 20 10.17 10.09 18.01
CA TYR B 20 10.58 9.20 19.09
C TYR B 20 11.23 7.93 18.53
N LEU B 21 10.58 7.32 17.55
CA LEU B 21 11.09 6.11 16.91
C LEU B 21 12.45 6.37 16.28
N LYS B 22 12.65 7.59 15.80
CA LYS B 22 13.96 7.98 15.29
C LYS B 22 14.94 8.08 16.44
N ALA B 23 14.48 8.65 17.54
CA ALA B 23 15.35 8.86 18.71
C ALA B 23 15.92 7.59 19.31
N ILE B 24 15.18 6.48 19.23
CA ILE B 24 15.66 5.24 19.80
C ILE B 24 16.43 4.43 18.77
N GLY B 25 16.51 4.98 17.56
CA GLY B 25 17.40 4.46 16.55
C GLY B 25 16.76 3.58 15.49
N ALA B 26 15.44 3.63 15.37
CA ALA B 26 14.74 2.82 14.38
C ALA B 26 15.18 3.23 12.97
N PRO B 27 14.91 2.38 11.97
CA PRO B 27 15.18 2.78 10.58
C PRO B 27 14.12 3.73 10.09
N LYS B 28 14.50 4.62 9.18
CA LYS B 28 13.58 5.64 8.66
C LYS B 28 12.36 5.07 7.97
N GLU B 29 12.48 3.84 7.49
CA GLU B 29 11.40 3.23 6.73
C GLU B 29 10.25 2.76 7.63
N LEU B 30 10.46 2.81 8.94
CA LEU B 30 9.44 2.43 9.90
C LEU B 30 9.01 3.59 10.78
N SER B 31 9.95 4.48 11.07
CA SER B 31 9.64 5.69 11.79
C SER B 31 8.66 6.50 10.94
N ASP B 32 9.10 6.89 9.75
CA ASP B 32 8.26 7.62 8.80
C ASP B 32 6.89 6.99 8.68
N GLY B 33 5.84 7.82 8.80
CA GLY B 33 4.47 7.34 8.70
C GLY B 33 4.02 6.61 9.96
N GLY B 34 4.66 6.91 11.08
CA GLY B 34 4.38 6.22 12.31
C GLY B 34 3.25 6.85 13.10
N ASP B 35 3.18 8.18 13.06
CA ASP B 35 2.15 8.88 13.83
C ASP B 35 0.78 8.48 13.33
N ALA B 36 0.76 7.90 12.13
CA ALA B 36 -0.48 7.46 11.52
C ALA B 36 -0.75 5.97 11.73
N THR B 37 0.14 5.28 12.44
CA THR B 37 -0.08 3.86 12.68
C THR B 37 -1.22 3.69 13.67
N THR B 38 -1.90 2.56 13.54
CA THR B 38 -3.14 2.32 14.25
C THR B 38 -3.14 0.97 14.95
N PRO B 39 -2.19 0.79 15.88
CA PRO B 39 -2.06 -0.50 16.56
C PRO B 39 -3.28 -0.81 17.40
N THR B 40 -3.59 -2.09 17.54
CA THR B 40 -4.67 -2.53 18.40
C THR B 40 -4.05 -3.38 19.51
N LEU B 41 -4.49 -3.14 20.75
CA LEU B 41 -3.90 -3.71 21.97
C LEU B 41 -4.87 -4.64 22.66
N TYR B 42 -4.43 -5.83 22.99
CA TYR B 42 -5.26 -6.76 23.73
C TYR B 42 -4.54 -7.09 25.00
N ILE B 43 -5.00 -6.51 26.09
CA ILE B 43 -4.29 -6.56 27.35
C ILE B 43 -5.02 -7.46 28.33
N SER B 44 -4.26 -8.21 29.13
CA SER B 44 -4.84 -9.14 30.09
C SER B 44 -3.88 -9.33 31.25
N GLN B 45 -4.41 -9.72 32.40
CA GLN B 45 -3.63 -9.80 33.61
C GLN B 45 -3.87 -11.12 34.32
N LYS B 46 -2.85 -11.61 35.03
CA LYS B 46 -2.93 -12.85 35.78
C LYS B 46 -2.52 -12.65 37.23
N ASP B 47 -3.49 -12.31 38.07
CA ASP B 47 -3.31 -12.37 39.53
C ASP B 47 -2.61 -11.16 40.13
N GLY B 48 -2.81 -10.00 39.50
CA GLY B 48 -2.37 -8.74 40.07
C GLY B 48 -0.93 -8.35 39.74
N ASP B 49 -0.18 -9.26 39.13
CA ASP B 49 1.26 -9.04 38.97
C ASP B 49 1.92 -9.69 37.75
N LYS B 50 1.12 -10.13 36.77
CA LYS B 50 1.67 -10.64 35.52
C LYS B 50 0.77 -10.23 34.36
N MET B 51 1.38 -9.65 33.34
CA MET B 51 0.61 -9.11 32.25
C MET B 51 1.02 -9.73 30.94
N THR B 52 0.04 -9.80 30.07
CA THR B 52 0.23 -10.23 28.73
C THR B 52 -0.40 -9.14 27.88
N VAL B 53 0.35 -8.68 26.88
CA VAL B 53 -0.16 -7.68 25.96
C VAL B 53 0.15 -8.12 24.55
N LYS B 54 -0.87 -8.20 23.71
CA LYS B 54 -0.69 -8.62 22.34
C LYS B 54 -1.03 -7.44 21.44
N ILE B 55 -0.38 -7.35 20.28
CA ILE B 55 -0.50 -6.15 19.45
C ILE B 55 -0.78 -6.51 18.00
N GLU B 56 -1.89 -5.97 17.48
CA GLU B 56 -2.16 -5.98 16.04
C GLU B 56 -1.80 -4.63 15.47
N ALA B 57 -0.65 -4.57 14.81
CA ALA B 57 -0.02 -3.30 14.47
C ALA B 57 -0.69 -2.63 13.28
N GLY B 58 -1.17 -3.43 12.34
CA GLY B 58 -1.82 -2.87 11.17
C GLY B 58 -0.81 -2.33 10.19
N PRO B 59 -1.29 -1.78 9.07
CA PRO B 59 -0.45 -1.24 7.99
C PRO B 59 0.49 -0.13 8.47
N PRO B 60 1.59 0.07 7.76
CA PRO B 60 1.95 -0.67 6.54
C PRO B 60 2.61 -2.05 6.75
N THR B 61 3.12 -2.32 7.93
CA THR B 61 4.01 -3.47 8.12
C THR B 61 3.36 -4.62 8.89
N PHE B 62 2.28 -4.35 9.60
CA PHE B 62 1.53 -5.39 10.29
C PHE B 62 2.37 -6.20 11.26
N LEU B 63 3.32 -5.56 11.93
CA LEU B 63 4.22 -6.28 12.81
C LEU B 63 3.57 -6.67 14.13
N ASP B 64 2.61 -7.59 14.05
CA ASP B 64 1.90 -8.06 15.24
C ASP B 64 2.85 -8.77 16.21
N THR B 65 2.68 -8.54 17.50
CA THR B 65 3.59 -9.14 18.49
C THR B 65 2.93 -9.39 19.84
N GLN B 66 3.74 -9.56 20.87
CA GLN B 66 3.24 -9.95 22.18
C GLN B 66 4.34 -9.91 23.23
N VAL B 67 4.08 -9.22 24.34
CA VAL B 67 4.97 -9.28 25.50
C VAL B 67 4.27 -9.96 26.66
N LYS B 68 5.04 -10.68 27.49
CA LYS B 68 4.49 -11.30 28.67
C LYS B 68 5.52 -11.17 29.77
N PHE B 69 5.13 -10.55 30.86
CA PHE B 69 6.10 -10.28 31.89
C PHE B 69 5.48 -10.33 33.25
N LYS B 70 6.36 -10.48 34.23
CA LYS B 70 6.00 -10.40 35.61
C LYS B 70 6.47 -9.05 36.07
N LEU B 71 5.65 -8.34 36.84
CA LEU B 71 6.05 -7.03 37.31
C LEU B 71 7.38 -7.11 38.06
N GLY B 72 8.29 -6.20 37.74
CA GLY B 72 9.56 -6.09 38.42
C GLY B 72 10.59 -7.09 37.96
N GLU B 73 10.20 -7.98 37.06
CA GLU B 73 11.09 -9.05 36.58
C GLU B 73 11.65 -8.66 35.22
N GLU B 74 12.94 -8.37 35.19
CA GLU B 74 13.62 -7.99 33.96
C GLU B 74 13.43 -9.06 32.90
N PHE B 75 13.22 -8.66 31.64
CA PHE B 75 13.06 -9.65 30.59
C PHE B 75 13.63 -9.21 29.26
N ASP B 76 13.94 -10.20 28.42
CA ASP B 76 14.46 -9.97 27.08
C ASP B 76 13.32 -9.60 26.15
N GLU B 77 13.48 -8.53 25.38
CA GLU B 77 12.44 -8.14 24.44
C GLU B 77 13.00 -8.02 23.02
N PHE B 78 12.19 -8.36 22.01
CA PHE B 78 12.66 -8.31 20.62
C PHE B 78 11.75 -7.42 19.77
N PRO B 79 11.95 -6.09 19.85
CA PRO B 79 11.05 -5.03 19.36
C PRO B 79 11.12 -4.77 17.87
N SER B 80 10.00 -4.30 17.33
CA SER B 80 9.86 -4.03 15.91
C SER B 80 10.69 -2.85 15.44
N ASP B 81 11.37 -2.18 16.35
CA ASP B 81 12.29 -1.13 15.95
C ASP B 81 13.67 -1.72 15.69
N ARG B 82 13.78 -3.04 15.90
CA ARG B 82 14.93 -3.80 15.45
C ARG B 82 16.18 -3.60 16.29
N ARG B 83 16.00 -3.00 17.46
CA ARG B 83 17.09 -2.87 18.41
C ARG B 83 17.49 -4.24 18.90
N LYS B 84 18.73 -4.36 19.39
CA LYS B 84 19.24 -5.63 19.92
C LYS B 84 19.62 -5.54 21.41
N GLY B 85 19.63 -6.67 22.09
CA GLY B 85 20.09 -6.71 23.47
C GLY B 85 19.24 -5.82 24.36
N VAL B 86 17.93 -5.90 24.17
CA VAL B 86 17.01 -5.04 24.91
C VAL B 86 16.51 -5.76 26.16
N LYS B 87 16.78 -5.19 27.31
CA LYS B 87 16.26 -5.69 28.58
C LYS B 87 15.12 -4.78 29.02
N SER B 88 13.97 -5.37 29.35
CA SER B 88 12.79 -4.57 29.66
C SER B 88 12.35 -4.88 31.08
N VAL B 89 11.81 -3.88 31.76
CA VAL B 89 11.28 -4.12 33.11
C VAL B 89 10.07 -3.24 33.40
N VAL B 90 9.02 -3.81 33.98
CA VAL B 90 7.79 -3.07 34.18
C VAL B 90 7.46 -3.04 35.66
N ASN B 91 7.23 -1.85 36.21
CA ASN B 91 6.87 -1.74 37.62
C ASN B 91 5.66 -0.87 37.84
N LEU B 92 4.82 -1.27 38.76
CA LEU B 92 3.67 -0.46 39.12
C LEU B 92 4.06 0.63 40.10
N VAL B 93 3.95 1.87 39.68
CA VAL B 93 4.20 2.99 40.56
C VAL B 93 2.89 3.76 40.79
N GLY B 94 2.27 3.52 41.93
CA GLY B 94 0.97 4.08 42.20
C GLY B 94 -0.07 3.55 41.24
N GLU B 95 -0.77 4.45 40.57
CA GLU B 95 -1.77 4.09 39.59
C GLU B 95 -1.19 4.03 38.19
N LYS B 96 0.12 4.29 38.07
CA LYS B 96 0.78 4.35 36.78
C LYS B 96 1.71 3.16 36.55
N LEU B 97 2.02 2.88 35.30
CA LEU B 97 2.78 1.70 34.96
C LEU B 97 4.02 2.10 34.20
N VAL B 98 5.19 1.92 34.81
CA VAL B 98 6.42 2.43 34.23
C VAL B 98 7.26 1.31 33.59
N TYR B 99 7.56 1.46 32.30
CA TYR B 99 8.20 0.43 31.51
C TYR B 99 9.55 1.00 31.06
N VAL B 100 10.64 0.33 31.40
CA VAL B 100 11.98 0.83 31.07
C VAL B 100 12.69 -0.17 30.15
N GLN B 101 13.29 0.35 29.08
CA GLN B 101 14.03 -0.46 28.13
C GLN B 101 15.48 -0.04 28.09
N LYS B 102 16.37 -1.02 28.13
CA LYS B 102 17.80 -0.81 28.25
C LYS B 102 18.50 -1.46 27.06
N TRP B 103 19.36 -0.71 26.38
CA TRP B 103 20.09 -1.26 25.25
C TRP B 103 21.14 -0.28 24.82
N ASP B 104 22.34 -0.77 24.53
CA ASP B 104 23.43 0.07 24.03
C ASP B 104 23.93 1.06 25.09
N GLY B 105 23.62 0.80 26.36
CA GLY B 105 23.89 1.76 27.42
C GLY B 105 22.89 2.91 27.44
N LYS B 106 21.82 2.74 26.67
CA LYS B 106 20.77 3.74 26.54
C LYS B 106 19.56 3.29 27.35
N GLU B 107 18.78 4.27 27.84
CA GLU B 107 17.53 4.02 28.55
C GLU B 107 16.37 4.82 27.91
N THR B 108 15.27 4.14 27.59
CA THR B 108 14.04 4.83 27.20
C THR B 108 12.91 4.41 28.13
N THR B 109 11.94 5.28 28.38
CA THR B 109 10.83 4.93 29.27
C THR B 109 9.45 5.13 28.61
N TYR B 110 8.46 4.34 29.03
CA TYR B 110 7.07 4.46 28.60
C TYR B 110 6.26 4.46 29.88
N VAL B 111 5.65 5.58 30.24
CA VAL B 111 4.80 5.64 31.41
C VAL B 111 3.33 5.60 31.00
N ARG B 112 2.57 4.66 31.52
CA ARG B 112 1.22 4.42 31.03
C ARG B 112 0.20 4.67 32.14
N GLU B 113 -0.96 5.24 31.79
CA GLU B 113 -1.94 5.58 32.81
C GLU B 113 -3.32 5.55 32.19
N ILE B 114 -4.36 5.71 32.99
CA ILE B 114 -5.70 5.91 32.44
C ILE B 114 -6.13 7.33 32.81
N LYS B 115 -6.71 8.05 31.85
CA LYS B 115 -7.05 9.45 32.02
C LYS B 115 -8.31 9.73 31.26
N ASP B 116 -9.38 10.02 31.99
CA ASP B 116 -10.74 10.12 31.43
C ASP B 116 -11.10 8.93 30.54
N GLY B 117 -10.86 7.71 31.03
CA GLY B 117 -11.16 6.51 30.26
C GLY B 117 -10.15 6.19 29.17
N LYS B 118 -9.16 7.06 28.98
CA LYS B 118 -8.19 6.87 27.91
C LYS B 118 -6.92 6.23 28.42
N LEU B 119 -6.40 5.25 27.70
CA LEU B 119 -5.12 4.69 28.06
C LEU B 119 -4.08 5.61 27.43
N VAL B 120 -3.34 6.34 28.25
CA VAL B 120 -2.38 7.30 27.76
C VAL B 120 -0.97 6.84 28.07
N VAL B 121 -0.12 6.92 27.06
CA VAL B 121 1.24 6.48 27.20
C VAL B 121 2.15 7.64 26.83
N THR B 122 3.04 7.97 27.75
CA THR B 122 4.02 9.02 27.49
C THR B 122 5.39 8.35 27.28
N LEU B 123 5.94 8.51 26.07
CA LEU B 123 7.22 7.92 25.66
C LEU B 123 8.37 8.92 25.71
N THR B 124 9.39 8.66 26.51
CA THR B 124 10.53 9.56 26.62
C THR B 124 11.82 8.86 26.20
N MET B 125 12.56 9.50 25.31
CA MET B 125 13.93 9.07 25.03
C MET B 125 14.79 10.35 25.06
N GLY B 126 15.54 10.54 26.14
CA GLY B 126 16.28 11.78 26.31
C GLY B 126 15.35 12.96 26.47
N ASP B 127 15.31 13.84 25.48
CA ASP B 127 14.45 15.02 25.50
C ASP B 127 13.46 14.95 24.34
N VAL B 128 13.44 13.82 23.65
CA VAL B 128 12.40 13.56 22.68
C VAL B 128 11.23 12.92 23.40
N VAL B 129 10.10 13.60 23.46
CA VAL B 129 8.92 13.01 24.06
C VAL B 129 7.82 12.84 22.99
N ALA B 130 7.13 11.70 23.00
CA ALA B 130 5.95 11.47 22.19
C ALA B 130 4.81 11.15 23.13
N VAL B 131 3.58 11.33 22.68
CA VAL B 131 2.43 10.92 23.48
C VAL B 131 1.51 10.19 22.54
N ARG B 132 0.94 9.11 23.01
CA ARG B 132 -0.09 8.43 22.25
C ARG B 132 -1.23 8.20 23.21
N SER B 133 -2.46 8.24 22.71
CA SER B 133 -3.61 7.97 23.55
C SER B 133 -4.47 6.92 22.87
N TYR B 134 -5.11 6.08 23.67
CA TYR B 134 -5.88 4.97 23.15
C TYR B 134 -7.25 5.07 23.79
N ARG B 135 -8.28 4.69 23.04
CA ARG B 135 -9.60 4.55 23.62
C ARG B 135 -10.03 3.08 23.57
N ARG B 136 -11.01 2.69 24.38
CA ARG B 136 -11.56 1.35 24.28
C ARG B 136 -11.94 1.07 22.84
N ALA B 137 -11.72 -0.17 22.41
CA ALA B 137 -12.09 -0.59 21.06
C ALA B 137 -13.54 -1.07 21.04
N THR B 138 -14.14 -1.10 19.84
CA THR B 138 -15.56 -1.35 19.72
C THR B 138 -15.94 -2.44 18.70
N GLU B 139 -17.03 -2.19 17.97
CA GLU B 139 -17.82 -3.25 17.33
C GLU B 139 -18.63 -3.99 18.38
N MET C 1 -2.29 17.35 -45.22
CA MET C 1 -3.77 17.39 -45.00
C MET C 1 -4.11 17.73 -43.56
N VAL C 2 -3.69 16.87 -42.65
CA VAL C 2 -3.83 17.10 -41.21
C VAL C 2 -3.03 18.31 -40.75
N GLU C 3 -1.90 18.57 -41.40
CA GLU C 3 -1.03 19.65 -40.99
C GLU C 3 -1.77 20.98 -40.83
N LYS C 4 -2.87 21.16 -41.56
CA LYS C 4 -3.58 22.44 -41.52
C LYS C 4 -4.17 22.76 -40.16
N PHE C 5 -4.30 21.74 -39.31
CA PHE C 5 -4.89 21.92 -37.99
C PHE C 5 -3.90 22.24 -36.88
N VAL C 6 -2.68 21.75 -37.00
CA VAL C 6 -1.72 21.89 -35.91
C VAL C 6 -1.44 23.37 -35.64
N GLY C 7 -1.19 23.66 -34.37
CA GLY C 7 -1.03 25.02 -33.89
C GLY C 7 -1.77 25.09 -32.57
N THR C 8 -1.76 26.24 -31.91
CA THR C 8 -2.55 26.44 -30.70
C THR C 8 -3.65 27.45 -30.99
N TRP C 9 -4.83 27.21 -30.40
CA TRP C 9 -6.03 27.90 -30.84
C TRP C 9 -6.82 28.37 -29.65
N LYS C 10 -7.22 29.63 -29.68
CA LYS C 10 -8.09 30.18 -28.66
C LYS C 10 -9.45 30.38 -29.28
N ILE C 11 -10.47 30.18 -28.48
CA ILE C 11 -11.80 30.23 -29.03
C ILE C 11 -12.17 31.69 -29.29
N ALA C 12 -13.08 31.87 -30.22
CA ALA C 12 -13.47 33.20 -30.65
C ALA C 12 -14.99 33.30 -30.64
N ASP C 13 -15.65 32.30 -31.23
CA ASP C 13 -17.11 32.26 -31.33
C ASP C 13 -17.67 30.91 -30.86
N SER C 14 -18.76 30.93 -30.10
CA SER C 14 -19.41 29.71 -29.68
C SER C 14 -20.91 29.94 -29.77
N HIS C 15 -21.61 29.02 -30.42
CA HIS C 15 -23.05 29.17 -30.65
C HIS C 15 -23.83 27.89 -30.37
N ASN C 16 -24.73 27.98 -29.40
CA ASN C 16 -25.64 26.89 -29.03
C ASN C 16 -24.93 25.72 -28.39
N PHE C 17 -23.84 25.99 -27.68
CA PHE C 17 -22.96 24.93 -27.17
C PHE C 17 -23.41 24.38 -25.81
N GLY C 18 -23.93 25.24 -24.96
CA GLY C 18 -24.54 24.81 -23.72
C GLY C 18 -25.65 23.81 -23.94
N GLU C 19 -26.49 24.07 -24.94
CA GLU C 19 -27.54 23.14 -25.32
C GLU C 19 -27.00 21.82 -25.86
N TYR C 20 -25.96 21.89 -26.68
CA TYR C 20 -25.36 20.68 -27.21
C TYR C 20 -24.89 19.77 -26.08
N LEU C 21 -24.30 20.37 -25.04
CA LEU C 21 -23.88 19.61 -23.86
C LEU C 21 -25.11 19.01 -23.18
N LYS C 22 -26.15 19.82 -23.05
CA LYS C 22 -27.39 19.37 -22.41
C LYS C 22 -27.91 18.16 -23.17
N ALA C 23 -27.68 18.16 -24.48
CA ALA C 23 -28.25 17.15 -25.36
C ALA C 23 -27.50 15.84 -25.29
N ILE C 24 -26.23 15.90 -24.96
CA ILE C 24 -25.43 14.70 -24.85
C ILE C 24 -25.35 14.23 -23.41
N GLY C 25 -26.30 14.67 -22.60
CA GLY C 25 -26.50 14.11 -21.28
C GLY C 25 -25.57 14.67 -20.23
N ALA C 26 -24.84 15.73 -20.58
CA ALA C 26 -23.97 16.35 -19.59
C ALA C 26 -24.80 16.91 -18.45
N PRO C 27 -24.31 16.80 -17.21
CA PRO C 27 -24.96 17.40 -16.05
C PRO C 27 -25.06 18.92 -16.15
N LYS C 28 -26.18 19.47 -15.69
CA LYS C 28 -26.44 20.91 -15.67
C LYS C 28 -25.31 21.74 -15.07
N GLU C 29 -24.75 21.28 -13.95
CA GLU C 29 -23.65 21.99 -13.32
C GLU C 29 -22.56 22.25 -14.36
N LEU C 30 -22.54 21.42 -15.39
CA LEU C 30 -21.48 21.45 -16.39
C LEU C 30 -21.94 21.93 -17.77
N SER C 31 -23.24 22.03 -17.98
CA SER C 31 -23.71 22.63 -19.22
C SER C 31 -23.95 24.13 -19.03
N ASP C 32 -24.01 24.59 -17.78
CA ASP C 32 -24.33 25.98 -17.48
C ASP C 32 -23.20 26.92 -17.90
N GLY C 33 -23.49 27.86 -18.80
CA GLY C 33 -22.52 28.83 -19.29
C GLY C 33 -21.59 28.29 -20.37
N GLY C 34 -21.99 27.20 -21.01
CA GLY C 34 -21.10 26.50 -21.93
C GLY C 34 -20.50 27.37 -23.01
N ASP C 35 -21.24 28.39 -23.45
CA ASP C 35 -20.78 29.23 -24.55
C ASP C 35 -19.80 30.27 -24.05
N ALA C 36 -19.66 30.36 -22.74
CA ALA C 36 -18.75 31.33 -22.16
C ALA C 36 -17.34 30.73 -22.06
N THR C 37 -17.24 29.41 -22.09
CA THR C 37 -15.94 28.76 -21.92
C THR C 37 -14.94 29.26 -22.92
N THR C 38 -13.68 29.33 -22.50
CA THR C 38 -12.59 29.77 -23.36
C THR C 38 -11.48 28.74 -23.27
N PRO C 39 -11.70 27.56 -23.87
CA PRO C 39 -10.66 26.52 -23.94
C PRO C 39 -9.59 26.87 -24.96
N THR C 40 -8.35 26.48 -24.66
CA THR C 40 -7.23 26.69 -25.57
C THR C 40 -6.69 25.31 -25.98
N LEU C 41 -6.59 25.06 -27.27
CA LEU C 41 -6.19 23.73 -27.78
C LEU C 41 -4.77 23.78 -28.31
N TYR C 42 -4.00 22.73 -28.06
CA TYR C 42 -2.65 22.59 -28.60
C TYR C 42 -2.63 21.34 -29.45
N ILE C 43 -2.48 21.50 -30.75
CA ILE C 43 -2.66 20.38 -31.66
C ILE C 43 -1.36 20.02 -32.36
N SER C 44 -1.01 18.75 -32.29
CA SER C 44 0.19 18.25 -32.92
C SER C 44 -0.21 17.06 -33.77
N GLN C 45 0.58 16.71 -34.77
CA GLN C 45 0.34 15.52 -35.56
C GLN C 45 1.66 14.82 -35.90
N LYS C 46 1.56 13.65 -36.51
CA LYS C 46 2.75 12.92 -36.92
C LYS C 46 2.36 11.86 -37.92
N ASP C 47 3.29 11.57 -38.84
CA ASP C 47 3.09 10.57 -39.87
C ASP C 47 1.92 10.93 -40.78
N GLY C 48 1.26 12.07 -40.53
CA GLY C 48 0.08 12.46 -41.29
C GLY C 48 -1.20 11.73 -40.91
N ASP C 49 -1.10 10.84 -39.92
CA ASP C 49 -2.22 9.98 -39.52
C ASP C 49 -2.36 9.79 -37.99
N LYS C 50 -1.52 10.46 -37.21
CA LYS C 50 -1.59 10.37 -35.74
C LYS C 50 -1.63 11.79 -35.18
N MET C 51 -2.52 12.05 -34.25
CA MET C 51 -2.66 13.38 -33.70
C MET C 51 -2.73 13.33 -32.19
N THR C 52 -2.43 14.46 -31.58
CA THR C 52 -2.54 14.60 -30.16
C THR C 52 -3.10 15.99 -29.90
N VAL C 53 -4.17 16.08 -29.11
CA VAL C 53 -4.76 17.36 -28.80
C VAL C 53 -4.74 17.57 -27.31
N LYS C 54 -4.25 18.73 -26.87
CA LYS C 54 -4.23 19.02 -25.46
C LYS C 54 -5.07 20.25 -25.15
N ILE C 55 -6.10 20.08 -24.34
CA ILE C 55 -7.02 21.15 -24.05
C ILE C 55 -6.82 21.73 -22.65
N GLU C 56 -6.51 23.03 -22.59
CA GLU C 56 -6.58 23.78 -21.34
C GLU C 56 -8.00 24.34 -21.25
N ALA C 57 -8.82 23.75 -20.39
CA ALA C 57 -10.27 23.99 -20.38
C ALA C 57 -10.63 25.42 -20.03
N GLY C 58 -9.83 26.05 -19.18
CA GLY C 58 -10.08 27.41 -18.81
C GLY C 58 -11.21 27.54 -17.82
N PRO C 59 -11.49 28.76 -17.39
CA PRO C 59 -12.44 29.00 -16.31
C PRO C 59 -13.81 28.42 -16.62
N PRO C 60 -14.58 28.08 -15.58
CA PRO C 60 -14.15 28.10 -14.18
C PRO C 60 -13.60 26.77 -13.68
N THR C 61 -13.76 25.73 -14.49
CA THR C 61 -13.42 24.38 -14.07
C THR C 61 -11.94 24.06 -14.22
N PHE C 62 -11.39 24.32 -15.38
CA PHE C 62 -9.98 24.04 -15.66
C PHE C 62 -9.77 22.53 -15.76
N LEU C 63 -10.76 21.86 -16.33
CA LEU C 63 -10.69 20.42 -16.54
C LEU C 63 -9.79 20.08 -17.73
N ASP C 64 -8.50 20.36 -17.60
CA ASP C 64 -7.54 20.09 -18.66
C ASP C 64 -7.58 18.60 -19.05
N THR C 65 -7.37 18.30 -20.33
CA THR C 65 -7.36 16.91 -20.78
C THR C 65 -6.52 16.74 -22.04
N GLN C 66 -6.46 15.52 -22.54
CA GLN C 66 -5.73 15.24 -23.75
C GLN C 66 -6.41 14.10 -24.49
N VAL C 67 -6.33 14.12 -25.81
CA VAL C 67 -6.66 12.97 -26.61
C VAL C 67 -5.47 12.64 -27.48
N LYS C 68 -5.36 11.37 -27.89
CA LYS C 68 -4.29 10.88 -28.71
C LYS C 68 -4.94 9.85 -29.58
N PHE C 69 -4.80 9.98 -30.90
CA PHE C 69 -5.48 9.03 -31.75
C PHE C 69 -4.75 8.79 -33.04
N LYS C 70 -5.14 7.71 -33.70
CA LYS C 70 -4.71 7.42 -35.03
C LYS C 70 -5.95 7.44 -35.89
N LEU C 71 -5.87 8.05 -37.07
CA LEU C 71 -7.02 8.10 -37.97
C LEU C 71 -7.48 6.68 -38.33
N GLY C 72 -8.63 6.27 -37.80
CA GLY C 72 -9.19 4.97 -38.12
C GLY C 72 -9.18 4.04 -36.92
N GLU C 73 -8.32 4.34 -35.96
CA GLU C 73 -8.17 3.49 -34.79
C GLU C 73 -9.10 3.92 -33.66
N GLU C 74 -10.13 3.11 -33.42
CA GLU C 74 -11.07 3.34 -32.34
C GLU C 74 -10.30 3.49 -31.04
N PHE C 75 -10.84 4.26 -30.11
CA PHE C 75 -10.20 4.40 -28.82
C PHE C 75 -11.22 4.80 -27.78
N ASP C 76 -10.84 4.64 -26.52
CA ASP C 76 -11.68 4.94 -25.38
C ASP C 76 -11.53 6.41 -25.02
N GLU C 77 -12.64 7.08 -24.70
CA GLU C 77 -12.56 8.47 -24.25
C GLU C 77 -13.30 8.65 -22.92
N PHE C 78 -12.82 9.59 -22.10
CA PHE C 78 -13.45 9.89 -20.81
C PHE C 78 -13.70 11.39 -20.68
N PRO C 79 -14.59 11.93 -21.52
CA PRO C 79 -14.76 13.39 -21.65
C PRO C 79 -15.21 14.05 -20.37
N SER C 80 -15.08 15.37 -20.35
CA SER C 80 -15.43 16.18 -19.18
C SER C 80 -16.89 16.06 -18.81
N ASP C 81 -17.72 15.73 -19.79
CA ASP C 81 -19.16 15.60 -19.60
C ASP C 81 -19.55 14.37 -18.78
N ARG C 82 -18.57 13.52 -18.49
CA ARG C 82 -18.78 12.40 -17.57
C ARG C 82 -19.68 11.30 -18.15
N ARG C 83 -19.80 11.25 -19.47
CA ARG C 83 -20.46 10.16 -20.13
C ARG C 83 -19.65 8.88 -19.97
N LYS C 84 -20.34 7.75 -19.81
CA LYS C 84 -19.69 6.45 -19.64
C LYS C 84 -19.88 5.56 -20.86
N GLY C 85 -18.81 4.92 -21.29
CA GLY C 85 -18.90 3.97 -22.38
C GLY C 85 -18.53 4.60 -23.70
N VAL C 86 -17.78 5.71 -23.67
CA VAL C 86 -17.44 6.41 -24.91
C VAL C 86 -16.35 5.72 -25.72
N LYS C 87 -16.73 5.29 -26.91
CA LYS C 87 -15.80 4.77 -27.91
C LYS C 87 -15.73 5.78 -29.05
N SER C 88 -14.54 6.29 -29.34
CA SER C 88 -14.41 7.40 -30.25
C SER C 88 -13.64 6.95 -31.48
N VAL C 89 -13.81 7.65 -32.59
CA VAL C 89 -13.01 7.34 -33.76
C VAL C 89 -12.86 8.58 -34.63
N VAL C 90 -11.69 8.82 -35.20
CA VAL C 90 -11.51 10.01 -36.02
C VAL C 90 -11.05 9.64 -37.42
N ASN C 91 -11.62 10.26 -38.43
CA ASN C 91 -11.28 9.96 -39.81
C ASN C 91 -11.06 11.20 -40.63
N LEU C 92 -10.05 11.18 -41.48
CA LEU C 92 -9.88 12.25 -42.44
C LEU C 92 -10.79 12.04 -43.64
N VAL C 93 -11.91 12.75 -43.68
CA VAL C 93 -12.80 12.67 -44.81
C VAL C 93 -12.60 13.85 -45.76
N GLY C 94 -11.88 13.60 -46.85
CA GLY C 94 -11.47 14.65 -47.75
C GLY C 94 -10.54 15.59 -47.05
N GLU C 95 -11.00 16.82 -46.87
CA GLU C 95 -10.26 17.88 -46.22
C GLU C 95 -10.73 18.09 -44.78
N LYS C 96 -11.81 17.40 -44.42
CA LYS C 96 -12.41 17.58 -43.11
C LYS C 96 -12.09 16.46 -42.14
N LEU C 97 -12.00 16.83 -40.87
CA LEU C 97 -11.78 15.88 -39.80
C LEU C 97 -13.11 15.50 -39.17
N VAL C 98 -13.40 14.21 -39.08
CA VAL C 98 -14.67 13.78 -38.52
C VAL C 98 -14.45 12.91 -37.27
N TYR C 99 -15.02 13.34 -36.16
CA TYR C 99 -14.79 12.71 -34.87
C TYR C 99 -16.12 12.18 -34.39
N VAL C 100 -16.31 10.86 -34.36
CA VAL C 100 -17.58 10.28 -33.95
C VAL C 100 -17.46 9.60 -32.58
N GLN C 101 -18.43 9.85 -31.70
CA GLN C 101 -18.48 9.25 -30.39
C GLN C 101 -19.72 8.37 -30.30
N LYS C 102 -19.55 7.17 -29.75
CA LYS C 102 -20.67 6.27 -29.56
C LYS C 102 -20.67 5.83 -28.11
N TRP C 103 -21.82 5.91 -27.44
CA TRP C 103 -21.88 5.55 -26.04
C TRP C 103 -23.32 5.38 -25.67
N ASP C 104 -23.61 4.30 -24.95
CA ASP C 104 -24.94 4.07 -24.41
C ASP C 104 -25.99 4.03 -25.53
N GLY C 105 -25.61 3.50 -26.70
CA GLY C 105 -26.54 3.35 -27.81
C GLY C 105 -26.72 4.61 -28.64
N LYS C 106 -25.95 5.64 -28.32
CA LYS C 106 -26.11 6.97 -28.91
C LYS C 106 -24.86 7.36 -29.69
N GLU C 107 -25.04 8.22 -30.69
CA GLU C 107 -23.93 8.67 -31.53
C GLU C 107 -23.95 10.19 -31.62
N THR C 108 -22.76 10.81 -31.59
CA THR C 108 -22.68 12.25 -31.80
C THR C 108 -21.47 12.52 -32.69
N THR C 109 -21.54 13.55 -33.52
CA THR C 109 -20.54 13.77 -34.54
C THR C 109 -19.99 15.19 -34.49
N TYR C 110 -18.66 15.33 -34.53
CA TYR C 110 -18.01 16.64 -34.59
C TYR C 110 -17.39 16.69 -35.96
N VAL C 111 -17.46 17.85 -36.63
CA VAL C 111 -16.76 18.03 -37.91
C VAL C 111 -15.84 19.24 -37.77
N ARG C 112 -14.58 19.11 -38.13
CA ARG C 112 -13.66 20.21 -37.92
C ARG C 112 -12.99 20.56 -39.23
N GLU C 113 -12.84 21.86 -39.48
CA GLU C 113 -12.32 22.31 -40.77
C GLU C 113 -11.53 23.61 -40.61
N ILE C 114 -10.72 23.97 -41.61
CA ILE C 114 -10.10 25.28 -41.59
C ILE C 114 -10.83 26.18 -42.57
N LYS C 115 -11.36 27.30 -42.07
CA LYS C 115 -12.12 28.24 -42.88
C LYS C 115 -11.59 29.66 -42.71
N ASP C 116 -10.88 30.14 -43.71
CA ASP C 116 -10.35 31.50 -43.70
C ASP C 116 -9.47 31.72 -42.47
N GLY C 117 -8.59 30.77 -42.21
CA GLY C 117 -7.66 30.87 -41.10
C GLY C 117 -8.28 30.53 -39.76
N LYS C 118 -9.50 29.97 -39.80
CA LYS C 118 -10.21 29.64 -38.57
C LYS C 118 -10.52 28.15 -38.44
N LEU C 119 -10.29 27.62 -37.24
CA LEU C 119 -10.66 26.25 -36.90
C LEU C 119 -12.14 26.23 -36.50
N VAL C 120 -12.99 25.69 -37.36
CA VAL C 120 -14.41 25.66 -37.07
C VAL C 120 -14.85 24.24 -36.81
N VAL C 121 -15.50 24.04 -35.67
CA VAL C 121 -16.06 22.76 -35.33
C VAL C 121 -17.56 22.80 -35.27
N THR C 122 -18.20 21.86 -35.97
CA THR C 122 -19.63 21.77 -36.01
C THR C 122 -20.02 20.51 -35.21
N LEU C 123 -20.77 20.68 -34.12
CA LEU C 123 -21.11 19.58 -33.23
C LEU C 123 -22.58 19.19 -33.43
N THR C 124 -22.85 17.91 -33.60
CA THR C 124 -24.17 17.45 -33.97
C THR C 124 -24.62 16.28 -33.10
N MET C 125 -25.73 16.45 -32.42
CA MET C 125 -26.37 15.38 -31.68
C MET C 125 -27.83 15.37 -32.13
N GLY C 126 -28.16 14.54 -33.12
CA GLY C 126 -29.50 14.51 -33.69
C GLY C 126 -29.89 15.82 -34.36
N ASP C 127 -30.82 16.55 -33.74
CA ASP C 127 -31.28 17.80 -34.32
C ASP C 127 -30.70 19.01 -33.60
N VAL C 128 -29.89 18.77 -32.58
CA VAL C 128 -29.23 19.86 -31.89
C VAL C 128 -27.88 20.07 -32.56
N VAL C 129 -27.62 21.31 -32.94
CA VAL C 129 -26.39 21.65 -33.64
C VAL C 129 -25.76 22.91 -33.03
N ALA C 130 -24.48 22.82 -32.69
CA ALA C 130 -23.68 23.97 -32.24
C ALA C 130 -22.50 24.19 -33.20
N VAL C 131 -21.90 25.36 -33.18
CA VAL C 131 -20.72 25.62 -33.96
C VAL C 131 -19.84 26.49 -33.11
N ARG C 132 -18.58 26.09 -32.97
CA ARG C 132 -17.62 26.90 -32.25
C ARG C 132 -16.52 27.20 -33.24
N SER C 133 -15.85 28.34 -33.11
CA SER C 133 -14.72 28.63 -33.99
C SER C 133 -13.55 29.14 -33.13
N TYR C 134 -12.33 28.83 -33.56
CA TYR C 134 -11.12 29.10 -32.81
C TYR C 134 -10.18 29.85 -33.74
N ARG C 135 -9.57 30.92 -33.24
CA ARG C 135 -8.55 31.60 -34.02
C ARG C 135 -7.17 31.39 -33.42
N ARG C 136 -6.14 31.43 -34.25
CA ARG C 136 -4.77 31.29 -33.79
C ARG C 136 -4.58 32.19 -32.56
N ALA C 137 -3.84 31.70 -31.57
CA ALA C 137 -3.55 32.47 -30.37
C ALA C 137 -2.65 33.70 -30.66
N THR C 138 -2.69 34.67 -29.74
CA THR C 138 -1.97 35.92 -29.89
C THR C 138 -1.32 36.36 -28.57
N GLU C 139 -0.07 35.93 -28.32
CA GLU C 139 0.67 35.09 -29.26
C GLU C 139 0.88 33.68 -28.71
N MET D 1 15.13 -35.79 27.07
CA MET D 1 15.24 -35.80 25.59
C MET D 1 15.70 -34.43 25.05
N VAL D 2 15.13 -33.36 25.57
CA VAL D 2 15.47 -32.05 25.05
C VAL D 2 16.87 -31.67 25.46
N GLU D 3 17.44 -32.45 26.35
CA GLU D 3 18.78 -32.18 26.87
C GLU D 3 19.80 -32.10 25.76
N LYS D 4 19.61 -32.86 24.70
CA LYS D 4 20.62 -32.96 23.65
C LYS D 4 20.46 -31.90 22.57
N PHE D 5 19.57 -30.95 22.79
CA PHE D 5 19.39 -29.87 21.82
C PHE D 5 20.07 -28.61 22.31
N VAL D 6 20.37 -28.55 23.60
CA VAL D 6 20.94 -27.35 24.16
C VAL D 6 22.30 -27.04 23.55
N GLY D 7 22.58 -25.75 23.40
CA GLY D 7 23.84 -25.31 22.86
C GLY D 7 23.57 -24.24 21.82
N THR D 8 24.61 -23.74 21.17
CA THR D 8 24.41 -22.77 20.09
C THR D 8 24.82 -23.42 18.77
N TRP D 9 23.92 -23.33 17.78
CA TRP D 9 24.09 -24.04 16.53
C TRP D 9 24.17 -23.03 15.41
N LYS D 10 25.01 -23.29 14.42
CA LYS D 10 25.10 -22.43 13.27
C LYS D 10 24.76 -23.25 12.04
N ILE D 11 24.11 -22.62 11.08
CA ILE D 11 23.69 -23.34 9.91
C ILE D 11 24.92 -24.00 9.22
N ALA D 12 24.70 -25.21 8.73
CA ALA D 12 25.74 -25.97 8.02
C ALA D 12 25.32 -26.30 6.59
N ASP D 13 24.10 -26.78 6.41
CA ASP D 13 23.60 -27.06 5.07
C ASP D 13 22.10 -26.82 4.99
N SER D 14 21.61 -26.55 3.78
CA SER D 14 20.20 -26.23 3.59
C SER D 14 19.70 -26.79 2.26
N HIS D 15 18.46 -27.25 2.23
CA HIS D 15 17.95 -27.95 1.07
C HIS D 15 16.47 -27.66 0.90
N ASN D 16 16.11 -27.08 -0.23
CA ASN D 16 14.72 -26.96 -0.62
C ASN D 16 13.97 -25.92 0.21
N PHE D 17 14.72 -25.11 0.94
CA PHE D 17 14.13 -24.26 1.97
C PHE D 17 13.30 -23.11 1.37
N GLY D 18 13.82 -22.43 0.35
CA GLY D 18 13.13 -21.31 -0.24
C GLY D 18 11.71 -21.64 -0.67
N GLU D 19 11.54 -22.78 -1.33
CA GLU D 19 10.23 -23.15 -1.84
C GLU D 19 9.30 -23.64 -0.75
N TYR D 20 9.88 -24.05 0.38
CA TYR D 20 9.05 -24.33 1.54
C TYR D 20 8.50 -23.02 2.11
N LEU D 21 9.32 -21.98 2.07
CA LEU D 21 8.94 -20.64 2.52
C LEU D 21 7.79 -20.09 1.68
N LYS D 22 7.96 -20.17 0.36
CA LYS D 22 6.90 -19.84 -0.58
C LYS D 22 5.66 -20.69 -0.29
N ALA D 23 5.88 -21.96 -0.02
CA ALA D 23 4.78 -22.89 0.25
C ALA D 23 3.92 -22.46 1.43
N ILE D 24 4.50 -21.75 2.38
CA ILE D 24 3.72 -21.31 3.54
C ILE D 24 3.37 -19.83 3.43
N GLY D 25 3.50 -19.28 2.23
CA GLY D 25 2.91 -17.99 1.93
C GLY D 25 3.70 -16.80 2.41
N ALA D 26 4.96 -16.75 2.06
CA ALA D 26 5.83 -15.69 2.55
C ALA D 26 6.09 -14.67 1.45
N PRO D 27 6.34 -13.41 1.85
CA PRO D 27 6.71 -12.35 0.91
C PRO D 27 8.01 -12.72 0.24
N LYS D 28 8.02 -12.74 -1.09
CA LYS D 28 9.18 -13.26 -1.81
C LYS D 28 10.43 -12.43 -1.67
N GLU D 29 10.36 -11.30 -0.97
CA GLU D 29 11.59 -10.58 -0.70
C GLU D 29 12.25 -11.21 0.54
N LEU D 30 11.49 -12.08 1.20
CA LEU D 30 11.95 -12.77 2.39
C LEU D 30 12.33 -14.21 2.10
N SER D 31 11.61 -14.82 1.17
CA SER D 31 11.88 -16.19 0.73
C SER D 31 12.99 -16.24 -0.31
N ASP D 32 13.31 -15.12 -0.93
CA ASP D 32 14.44 -15.04 -1.86
C ASP D 32 15.74 -15.37 -1.14
N GLY D 33 16.35 -16.51 -1.50
CA GLY D 33 17.65 -16.88 -0.97
C GLY D 33 17.61 -17.47 0.41
N GLY D 34 16.47 -18.04 0.77
CA GLY D 34 16.32 -18.68 2.07
C GLY D 34 17.38 -19.74 2.32
N ASP D 35 17.77 -20.47 1.28
CA ASP D 35 18.77 -21.53 1.43
C ASP D 35 20.15 -20.95 1.72
N ALA D 36 20.29 -19.65 1.53
CA ALA D 36 21.54 -18.95 1.76
C ALA D 36 21.53 -18.15 3.07
N THR D 37 20.44 -18.22 3.82
CA THR D 37 20.37 -17.57 5.13
C THR D 37 21.24 -18.32 6.12
N THR D 38 21.76 -17.59 7.09
CA THR D 38 22.73 -18.13 8.04
C THR D 38 22.30 -17.93 9.50
N PRO D 39 21.18 -18.52 9.90
CA PRO D 39 20.71 -18.29 11.26
C PRO D 39 21.62 -18.90 12.32
N THR D 40 21.57 -18.34 13.51
CA THR D 40 22.28 -18.92 14.66
C THR D 40 21.23 -19.17 15.74
N LEU D 41 21.31 -20.33 16.39
CA LEU D 41 20.32 -20.74 17.37
C LEU D 41 20.96 -20.91 18.74
N TYR D 42 20.34 -20.33 19.76
CA TYR D 42 20.78 -20.49 21.12
C TYR D 42 19.66 -21.20 21.85
N ILE D 43 19.90 -22.45 22.24
CA ILE D 43 18.84 -23.28 22.76
C ILE D 43 19.07 -23.65 24.22
N SER D 44 18.13 -23.30 25.08
CA SER D 44 18.19 -23.66 26.49
C SER D 44 16.97 -24.50 26.83
N GLN D 45 17.05 -25.34 27.87
CA GLN D 45 15.88 -26.10 28.33
C GLN D 45 15.82 -26.08 29.86
N LYS D 46 14.65 -26.38 30.42
CA LYS D 46 14.48 -26.50 31.86
C LYS D 46 13.56 -27.67 32.21
N ASP D 47 14.04 -28.54 33.09
CA ASP D 47 13.26 -29.67 33.61
C ASP D 47 12.77 -30.62 32.52
N GLY D 48 13.47 -30.66 31.40
CA GLY D 48 13.22 -31.66 30.38
C GLY D 48 11.94 -31.43 29.61
N ASP D 49 11.24 -30.35 29.93
CA ASP D 49 9.93 -30.09 29.33
C ASP D 49 9.69 -28.62 29.00
N LYS D 50 10.66 -27.75 29.32
CA LYS D 50 10.59 -26.35 28.96
C LYS D 50 11.74 -26.04 28.01
N MET D 51 11.49 -25.19 27.03
CA MET D 51 12.51 -24.81 26.07
C MET D 51 12.43 -23.32 25.79
N THR D 52 13.57 -22.77 25.41
CA THR D 52 13.65 -21.38 25.01
C THR D 52 14.63 -21.28 23.85
N VAL D 53 14.14 -20.95 22.65
CA VAL D 53 15.02 -20.81 21.50
C VAL D 53 15.16 -19.37 21.06
N LYS D 54 16.41 -18.89 21.01
CA LYS D 54 16.73 -17.55 20.58
C LYS D 54 17.39 -17.62 19.20
N ILE D 55 16.87 -16.87 18.24
CA ILE D 55 17.39 -16.92 16.90
C ILE D 55 17.98 -15.60 16.46
N GLU D 56 19.26 -15.61 16.13
CA GLU D 56 19.83 -14.49 15.40
C GLU D 56 19.80 -14.88 13.94
N ALA D 57 19.00 -14.14 13.17
CA ALA D 57 18.61 -14.55 11.84
C ALA D 57 19.73 -14.30 10.83
N GLY D 58 20.63 -13.39 11.19
CA GLY D 58 21.76 -13.10 10.33
C GLY D 58 21.35 -12.32 9.10
N PRO D 59 22.31 -12.09 8.20
CA PRO D 59 22.06 -11.27 7.00
C PRO D 59 20.93 -11.77 6.14
N PRO D 60 20.25 -10.85 5.46
CA PRO D 60 20.54 -9.41 5.51
C PRO D 60 19.61 -8.67 6.47
N THR D 61 18.57 -9.34 6.96
CA THR D 61 17.59 -8.73 7.86
C THR D 61 18.13 -8.58 9.29
N PHE D 62 18.65 -9.67 9.84
CA PHE D 62 19.18 -9.68 11.21
C PHE D 62 18.06 -9.55 12.22
N LEU D 63 16.95 -10.23 11.98
CA LEU D 63 15.87 -10.26 12.93
C LEU D 63 16.20 -11.22 14.07
N ASP D 64 16.61 -10.70 15.21
CA ASP D 64 16.67 -11.53 16.41
C ASP D 64 15.25 -11.77 16.93
N THR D 65 14.84 -13.02 17.04
CA THR D 65 13.54 -13.34 17.64
C THR D 65 13.67 -14.42 18.71
N GLN D 66 12.55 -14.80 19.32
CA GLN D 66 12.57 -15.75 20.43
C GLN D 66 11.25 -16.52 20.55
N VAL D 67 11.34 -17.83 20.77
CA VAL D 67 10.17 -18.61 21.18
C VAL D 67 10.45 -19.26 22.52
N LYS D 68 9.42 -19.39 23.35
CA LYS D 68 9.52 -19.91 24.68
C LYS D 68 8.30 -20.76 24.87
N PHE D 69 8.47 -22.02 25.24
CA PHE D 69 7.31 -22.90 25.30
C PHE D 69 7.51 -24.07 26.26
N LYS D 70 6.40 -24.72 26.60
CA LYS D 70 6.42 -25.94 27.35
C LYS D 70 5.89 -27.03 26.43
N LEU D 71 6.44 -28.24 26.53
CA LEU D 71 5.99 -29.34 25.69
C LEU D 71 4.48 -29.59 25.82
N GLY D 72 3.82 -29.79 24.69
CA GLY D 72 2.39 -30.10 24.66
C GLY D 72 1.50 -28.99 25.17
N GLU D 73 1.99 -27.75 25.13
CA GLU D 73 1.26 -26.60 25.63
C GLU D 73 1.12 -25.53 24.56
N GLU D 74 -0.05 -25.48 23.93
CA GLU D 74 -0.32 -24.54 22.84
C GLU D 74 0.07 -23.13 23.23
N PHE D 75 0.59 -22.36 22.28
CA PHE D 75 1.03 -21.00 22.56
C PHE D 75 1.01 -20.23 21.25
N ASP D 76 1.01 -18.89 21.33
CA ASP D 76 0.92 -18.02 20.15
C ASP D 76 2.31 -17.72 19.57
N GLU D 77 2.39 -17.53 18.26
CA GLU D 77 3.65 -17.24 17.59
C GLU D 77 3.49 -16.19 16.50
N PHE D 78 4.57 -15.46 16.23
CA PHE D 78 4.55 -14.40 15.23
C PHE D 78 5.84 -14.48 14.43
N PRO D 79 5.84 -15.34 13.39
CA PRO D 79 7.02 -15.66 12.61
C PRO D 79 7.45 -14.59 11.64
N SER D 80 8.74 -14.59 11.32
CA SER D 80 9.32 -13.60 10.44
C SER D 80 8.79 -13.72 9.02
N ASP D 81 8.02 -14.76 8.74
CA ASP D 81 7.39 -14.87 7.44
C ASP D 81 6.12 -14.01 7.39
N ARG D 82 5.74 -13.45 8.54
CA ARG D 82 4.63 -12.49 8.65
C ARG D 82 3.24 -13.12 8.61
N ARG D 83 3.15 -14.42 8.86
CA ARG D 83 1.86 -15.10 8.91
C ARG D 83 1.07 -14.62 10.10
N LYS D 84 -0.25 -14.58 9.98
CA LYS D 84 -1.08 -14.21 11.12
C LYS D 84 -1.94 -15.37 11.56
N GLY D 85 -2.37 -15.34 12.82
CA GLY D 85 -3.21 -16.39 13.35
C GLY D 85 -2.43 -17.66 13.61
N VAL D 86 -1.14 -17.49 13.92
CA VAL D 86 -0.24 -18.62 14.11
C VAL D 86 -0.25 -19.15 15.55
N LYS D 87 -0.73 -20.39 15.68
CA LYS D 87 -0.77 -21.10 16.95
C LYS D 87 0.16 -22.30 16.84
N SER D 88 1.00 -22.49 17.85
CA SER D 88 2.12 -23.41 17.78
C SER D 88 2.05 -24.37 18.94
N VAL D 89 2.54 -25.59 18.72
CA VAL D 89 2.67 -26.54 19.82
C VAL D 89 3.85 -27.46 19.57
N VAL D 90 4.48 -27.93 20.63
CA VAL D 90 5.67 -28.76 20.51
C VAL D 90 5.53 -29.98 21.39
N ASN D 91 5.85 -31.16 20.86
CA ASN D 91 5.82 -32.37 21.67
C ASN D 91 6.98 -33.26 21.33
N LEU D 92 7.02 -34.40 21.99
CA LEU D 92 8.08 -35.37 21.77
C LEU D 92 7.54 -36.61 21.08
N VAL D 93 8.21 -37.04 20.02
CA VAL D 93 7.86 -38.30 19.36
C VAL D 93 9.09 -39.20 19.33
N GLY D 94 9.17 -40.09 20.32
CA GLY D 94 10.38 -40.85 20.53
C GLY D 94 11.53 -39.92 20.82
N GLU D 95 12.58 -40.04 20.03
CA GLU D 95 13.77 -39.23 20.22
C GLU D 95 13.58 -37.80 19.65
N LYS D 96 12.53 -37.61 18.87
CA LYS D 96 12.37 -36.37 18.11
C LYS D 96 11.53 -35.28 18.78
N LEU D 97 11.73 -34.07 18.29
CA LEU D 97 11.00 -32.91 18.75
C LEU D 97 10.12 -32.43 17.61
N VAL D 98 8.81 -32.56 17.77
CA VAL D 98 7.88 -32.23 16.71
C VAL D 98 7.14 -30.95 17.03
N TYR D 99 7.17 -30.03 16.08
CA TYR D 99 6.69 -28.67 16.24
C TYR D 99 5.58 -28.51 15.21
N VAL D 100 4.33 -28.41 15.64
CA VAL D 100 3.22 -28.22 14.71
C VAL D 100 2.69 -26.78 14.73
N GLN D 101 2.56 -26.18 13.55
CA GLN D 101 2.05 -24.81 13.42
C GLN D 101 0.75 -24.83 12.64
N LYS D 102 -0.21 -24.04 13.08
CA LYS D 102 -1.56 -24.04 12.53
C LYS D 102 -1.95 -22.59 12.30
N TRP D 103 -2.52 -22.29 11.15
CA TRP D 103 -2.97 -20.93 10.89
C TRP D 103 -3.85 -20.93 9.65
N ASP D 104 -4.85 -20.05 9.67
CA ASP D 104 -5.78 -19.91 8.56
C ASP D 104 -6.03 -21.22 7.83
N GLY D 105 -6.46 -22.23 8.59
CA GLY D 105 -6.99 -23.45 8.03
C GLY D 105 -5.96 -24.47 7.55
N LYS D 106 -4.71 -24.29 7.92
CA LYS D 106 -3.68 -25.20 7.45
C LYS D 106 -2.62 -25.45 8.51
N GLU D 107 -1.65 -26.26 8.13
CA GLU D 107 -0.63 -26.74 9.04
C GLU D 107 0.71 -26.82 8.34
N THR D 108 1.77 -26.71 9.11
CA THR D 108 3.10 -27.06 8.64
C THR D 108 3.87 -27.69 9.80
N THR D 109 4.74 -28.64 9.51
CA THR D 109 5.34 -29.45 10.57
C THR D 109 6.87 -29.53 10.53
N TYR D 110 7.51 -29.26 11.67
CA TYR D 110 8.97 -29.28 11.78
C TYR D 110 9.37 -30.43 12.70
N VAL D 111 10.15 -31.37 12.19
CA VAL D 111 10.66 -32.47 13.01
C VAL D 111 12.16 -32.25 13.27
N ARG D 112 12.60 -32.34 14.52
CA ARG D 112 14.01 -32.06 14.79
C ARG D 112 14.64 -33.25 15.49
N GLU D 113 15.90 -33.53 15.17
CA GLU D 113 16.58 -34.67 15.76
C GLU D 113 18.07 -34.36 15.80
N ILE D 114 18.82 -35.09 16.61
CA ILE D 114 20.26 -34.95 16.62
C ILE D 114 20.86 -36.18 15.95
N LYS D 115 21.69 -36.00 14.93
CA LYS D 115 22.33 -37.16 14.30
C LYS D 115 23.67 -36.83 13.68
N ASP D 116 24.65 -37.70 13.96
CA ASP D 116 26.03 -37.46 13.60
C ASP D 116 26.52 -36.13 14.19
N GLY D 117 26.03 -35.81 15.39
CA GLY D 117 26.43 -34.57 16.06
C GLY D 117 25.68 -33.34 15.59
N LYS D 118 24.83 -33.47 14.57
CA LYS D 118 24.21 -32.29 13.99
C LYS D 118 22.74 -32.15 14.37
N LEU D 119 22.25 -30.92 14.33
CA LEU D 119 20.85 -30.65 14.55
C LEU D 119 20.19 -30.67 13.19
N VAL D 120 19.44 -31.71 12.87
CA VAL D 120 18.76 -31.80 11.59
C VAL D 120 17.29 -31.48 11.80
N VAL D 121 16.75 -30.62 10.96
CA VAL D 121 15.36 -30.24 11.02
C VAL D 121 14.76 -30.50 9.66
N THR D 122 13.68 -31.26 9.64
CA THR D 122 12.99 -31.59 8.41
C THR D 122 11.67 -30.79 8.42
N LEU D 123 11.42 -30.01 7.38
CA LEU D 123 10.28 -29.11 7.34
C LEU D 123 9.29 -29.54 6.25
N THR D 124 8.02 -29.68 6.61
CA THR D 124 7.06 -30.24 5.67
C THR D 124 5.76 -29.48 5.59
N MET D 125 5.47 -28.96 4.40
CA MET D 125 4.24 -28.23 4.19
C MET D 125 3.52 -28.86 2.99
N GLY D 126 2.50 -29.67 3.26
CA GLY D 126 1.82 -30.39 2.20
C GLY D 126 2.74 -31.40 1.56
N ASP D 127 3.02 -31.21 0.28
CA ASP D 127 3.84 -32.14 -0.46
C ASP D 127 5.25 -31.56 -0.67
N VAL D 128 5.53 -30.43 -0.02
CA VAL D 128 6.87 -29.81 -0.09
C VAL D 128 7.72 -30.21 1.11
N VAL D 129 8.97 -30.59 0.87
CA VAL D 129 9.88 -31.04 1.92
C VAL D 129 11.26 -30.39 1.81
N ALA D 130 11.65 -29.65 2.84
CA ALA D 130 12.97 -29.01 2.90
C ALA D 130 13.76 -29.58 4.07
N VAL D 131 15.08 -29.50 4.03
CA VAL D 131 15.85 -30.05 5.13
C VAL D 131 17.04 -29.16 5.39
N ARG D 132 17.22 -28.77 6.64
CA ARG D 132 18.33 -27.93 7.01
C ARG D 132 19.10 -28.62 8.10
N SER D 133 20.42 -28.50 8.11
CA SER D 133 21.23 -29.10 9.15
C SER D 133 22.12 -28.02 9.73
N TYR D 134 22.35 -28.09 11.04
CA TYR D 134 23.12 -27.08 11.76
C TYR D 134 24.24 -27.82 12.45
N ARG D 135 25.42 -27.23 12.46
CA ARG D 135 26.51 -27.79 13.22
C ARG D 135 26.64 -27.00 14.51
N ARG D 136 27.41 -27.46 15.47
CA ARG D 136 27.68 -26.67 16.65
C ARG D 136 28.70 -25.55 16.38
N ALA D 137 28.55 -24.44 17.08
CA ALA D 137 29.53 -23.37 16.98
C ALA D 137 30.81 -23.76 17.70
N THR D 138 31.60 -24.63 17.08
CA THR D 138 32.90 -25.00 17.65
C THR D 138 32.78 -25.56 19.06
N GLU D 139 32.11 -26.72 19.17
CA GLU D 139 31.88 -27.36 20.45
C GLU D 139 31.02 -28.62 20.29
#